data_8XKC
#
_entry.id   8XKC
#
_cell.length_a   71.554
_cell.length_b   81.010
_cell.length_c   81.596
_cell.angle_alpha   90.000
_cell.angle_beta   90.000
_cell.angle_gamma   90.000
#
_symmetry.space_group_name_H-M   'P 21 21 21'
#
loop_
_entity.id
_entity.type
_entity.pdbx_description
1 polymer 'HLA class I heavy chain'
2 polymer Beta-2-microglobulin
3 polymer 'Spike protein S1'
4 water water
#
loop_
_entity_poly.entity_id
_entity_poly.type
_entity_poly.pdbx_seq_one_letter_code
_entity_poly.pdbx_strand_id
1 'polypeptide(L)'
;GSHSMRYFYTSVSRPGRGEPRFIAVGYVDDTQFVRFDSDAASQRMEPRAPWIEQEGPEYWDRNTRNVKAHSQTDRANLGT
LRGYYNQSEDGSHTIQRMYGCDVGPDGRFLRGYQQDAYDGKDYIALNEDLRSWTAADMAAQITQRKWETAHEAEQWRAYL
EGRCVEWLRRYLENGKETLQRTDAPKTHMTHHAVSDHEATLRCWALSFYPAEITLTWQRDGEDQTQDTELVETRPAGDGT
FQKWASVVVPSGQEQRYTCHVQHEGLPKPLTLRW
;
A
2 'polypeptide(L)'
;IQRTPKIQVYSRHPAENGKSNFLNCYVSGFHPSDIEVDLLKNGERIEKVEHSDLSFSKDWSFYLLYYTEFTPTEKDEYAC
RVNHVTLSQPKIVKWDRDM
;
B
3 'polypeptide(L)' CVADYSVLY C
#
# COMPACT_ATOMS: atom_id res chain seq x y z
N GLY A 1 4.82 12.21 16.38
CA GLY A 1 5.89 11.99 15.41
C GLY A 1 5.74 12.81 14.14
N SER A 2 6.60 12.55 13.16
CA SER A 2 6.47 13.09 11.80
C SER A 2 5.15 12.67 11.15
N HIS A 3 4.73 13.46 10.16
CA HIS A 3 3.59 13.09 9.33
C HIS A 3 3.93 13.31 7.86
N SER A 4 3.12 12.71 6.98
CA SER A 4 3.35 12.81 5.55
C SER A 4 2.02 12.87 4.81
N MET A 5 2.04 13.57 3.67
CA MET A 5 0.99 13.50 2.66
C MET A 5 1.59 13.00 1.36
N ARG A 6 0.85 12.13 0.67
CA ARG A 6 1.41 11.45 -0.50
C ARG A 6 0.28 11.16 -1.46
N TYR A 7 0.50 11.42 -2.75
CA TYR A 7 -0.39 10.99 -3.80
C TYR A 7 0.32 9.98 -4.68
N PHE A 8 -0.41 8.95 -5.09
CA PHE A 8 0.11 7.89 -5.94
C PHE A 8 -0.73 7.80 -7.22
N TYR A 9 -0.08 7.91 -8.37
CA TYR A 9 -0.72 7.80 -9.68
C TYR A 9 -0.20 6.59 -10.41
N THR A 10 -1.10 5.85 -11.06
CA THR A 10 -0.79 4.73 -11.95
C THR A 10 -1.58 4.85 -13.24
N SER A 11 -0.90 5.03 -14.37
CA SER A 11 -1.54 4.93 -15.69
C SER A 11 -0.99 3.73 -16.44
N VAL A 12 -1.89 2.94 -17.04
CA VAL A 12 -1.58 1.68 -17.72
C VAL A 12 -2.24 1.67 -19.09
N SER A 13 -1.45 1.65 -20.16
CA SER A 13 -2.05 1.56 -21.48
C SER A 13 -2.59 0.15 -21.75
N ARG A 14 -3.63 0.08 -22.59
CA ARG A 14 -4.25 -1.19 -22.99
C ARG A 14 -4.51 -1.14 -24.50
N PRO A 15 -3.48 -1.38 -25.30
CA PRO A 15 -3.68 -1.37 -26.76
C PRO A 15 -4.63 -2.49 -27.21
N GLY A 16 -5.47 -2.16 -28.19
CA GLY A 16 -6.49 -3.08 -28.65
C GLY A 16 -7.80 -2.99 -27.89
N ARG A 17 -7.76 -2.66 -26.60
CA ARG A 17 -8.97 -2.27 -25.89
C ARG A 17 -8.99 -0.76 -25.79
N GLY A 18 -9.49 -0.22 -24.71
CA GLY A 18 -9.77 1.21 -24.64
C GLY A 18 -8.53 2.09 -24.53
N GLU A 19 -8.80 3.35 -24.21
CA GLU A 19 -7.82 4.32 -23.74
C GLU A 19 -7.11 3.81 -22.47
N PRO A 20 -5.98 4.41 -22.09
CA PRO A 20 -5.30 3.97 -20.85
C PRO A 20 -6.10 4.29 -19.61
N ARG A 21 -5.99 3.38 -18.63
CA ARG A 21 -6.65 3.52 -17.32
C ARG A 21 -5.76 4.28 -16.35
N PHE A 22 -6.37 5.20 -15.61
CA PHE A 22 -5.70 6.07 -14.65
C PHE A 22 -6.33 5.88 -13.29
N ILE A 23 -5.49 5.73 -12.27
CA ILE A 23 -5.91 5.54 -10.89
C ILE A 23 -5.04 6.42 -10.01
N ALA A 24 -5.66 7.36 -9.29
CA ALA A 24 -4.95 8.14 -8.28
C ALA A 24 -5.54 7.88 -6.90
N VAL A 25 -4.67 7.79 -5.88
CA VAL A 25 -5.06 7.74 -4.48
C VAL A 25 -4.19 8.70 -3.70
N GLY A 26 -4.74 9.24 -2.61
CA GLY A 26 -4.01 10.11 -1.70
C GLY A 26 -3.99 9.54 -0.29
N TYR A 27 -2.87 9.73 0.40
CA TYR A 27 -2.62 9.21 1.74
C TYR A 27 -2.17 10.35 2.64
N VAL A 28 -2.61 10.32 3.90
CA VAL A 28 -1.95 10.99 5.02
C VAL A 28 -1.43 9.89 5.94
N ASP A 29 -0.12 9.77 6.06
CA ASP A 29 0.51 8.69 6.83
C ASP A 29 0.02 7.37 6.22
N ASP A 30 -0.50 6.43 7.01
CA ASP A 30 -0.99 5.15 6.54
C ASP A 30 -2.49 5.12 6.35
N THR A 31 -3.14 6.28 6.18
CA THR A 31 -4.59 6.35 6.03
C THR A 31 -4.91 6.91 4.65
N GLN A 32 -5.64 6.15 3.85
CA GLN A 32 -6.13 6.68 2.58
C GLN A 32 -7.23 7.69 2.84
N PHE A 33 -7.29 8.75 2.04
CA PHE A 33 -8.42 9.67 2.16
C PHE A 33 -9.12 10.08 0.86
N VAL A 34 -8.46 10.02 -0.30
CA VAL A 34 -9.13 10.28 -1.58
C VAL A 34 -8.74 9.25 -2.64
N ARG A 35 -9.57 9.15 -3.68
CA ARG A 35 -9.33 8.29 -4.84
C ARG A 35 -9.98 8.91 -6.07
N PHE A 36 -9.43 8.53 -7.24
CA PHE A 36 -9.99 8.80 -8.57
C PHE A 36 -9.69 7.63 -9.51
N ASP A 37 -10.70 7.18 -10.27
CA ASP A 37 -10.54 6.08 -11.22
C ASP A 37 -11.15 6.50 -12.57
N SER A 38 -10.30 6.72 -13.58
CA SER A 38 -10.80 7.15 -14.89
C SER A 38 -11.76 6.15 -15.55
N ASP A 39 -11.93 4.93 -15.02
CA ASP A 39 -12.87 3.99 -15.60
C ASP A 39 -14.24 4.01 -14.93
N ALA A 40 -14.36 4.68 -13.78
CA ALA A 40 -15.58 4.66 -12.98
C ALA A 40 -16.63 5.59 -13.57
N ALA A 41 -17.90 5.28 -13.28
CA ALA A 41 -19.00 6.07 -13.81
C ALA A 41 -18.99 7.50 -13.29
N SER A 42 -18.64 7.67 -12.00
CA SER A 42 -18.78 8.96 -11.31
C SER A 42 -18.00 10.08 -11.98
N GLN A 43 -16.76 9.81 -12.38
CA GLN A 43 -15.83 10.81 -12.94
C GLN A 43 -15.52 11.93 -11.94
N ARG A 44 -15.52 11.62 -10.65
CA ARG A 44 -15.19 12.58 -9.62
C ARG A 44 -14.09 12.04 -8.71
N MET A 45 -13.28 12.93 -8.16
CA MET A 45 -12.50 12.63 -6.97
C MET A 45 -13.47 12.26 -5.85
N GLU A 46 -13.30 11.10 -5.24
CA GLU A 46 -14.28 10.70 -4.24
C GLU A 46 -13.62 10.55 -2.87
N PRO A 47 -14.37 10.76 -1.78
CA PRO A 47 -13.77 10.67 -0.43
C PRO A 47 -13.65 9.25 0.10
N ARG A 48 -12.63 9.04 0.92
CA ARG A 48 -12.33 7.69 1.40
C ARG A 48 -11.99 7.66 2.87
N ALA A 49 -12.12 8.78 3.58
CA ALA A 49 -11.89 8.91 5.00
C ALA A 49 -12.98 9.80 5.57
N PRO A 50 -13.47 9.52 6.79
CA PRO A 50 -14.50 10.37 7.40
C PRO A 50 -14.18 11.87 7.39
N TRP A 51 -12.96 12.25 7.79
CA TRP A 51 -12.64 13.64 8.08
C TRP A 51 -12.42 14.50 6.86
N ILE A 52 -12.54 13.96 5.66
CA ILE A 52 -12.42 14.77 4.45
C ILE A 52 -13.77 15.21 3.89
N GLU A 53 -14.87 14.57 4.31
CA GLU A 53 -16.18 14.91 3.76
C GLU A 53 -16.61 16.33 4.13
N GLN A 54 -16.05 16.89 5.21
CA GLN A 54 -16.27 18.25 5.71
C GLN A 54 -15.69 19.35 4.78
N GLU A 55 -15.15 19.02 3.60
CA GLU A 55 -14.68 20.02 2.65
C GLU A 55 -15.79 20.32 1.64
N GLY A 56 -15.94 21.61 1.31
CA GLY A 56 -17.02 22.06 0.48
C GLY A 56 -16.86 21.69 -0.97
N PRO A 57 -17.88 22.03 -1.77
CA PRO A 57 -17.87 21.62 -3.18
C PRO A 57 -16.79 22.28 -4.01
N GLU A 58 -16.29 23.45 -3.59
CA GLU A 58 -15.12 24.02 -4.26
C GLU A 58 -13.93 23.06 -4.18
N TYR A 59 -13.71 22.45 -3.01
CA TYR A 59 -12.67 21.45 -2.83
C TYR A 59 -12.80 20.36 -3.88
N TRP A 60 -13.96 19.71 -3.94
CA TRP A 60 -14.10 18.59 -4.86
C TRP A 60 -14.10 19.04 -6.32
N ASP A 61 -14.48 20.28 -6.61
CA ASP A 61 -14.44 20.76 -8.00
C ASP A 61 -13.00 20.99 -8.48
N ARG A 62 -12.19 21.66 -7.66
CA ARG A 62 -10.80 21.87 -8.03
C ARG A 62 -10.05 20.53 -8.13
N ASN A 63 -10.13 19.72 -7.08
CA ASN A 63 -9.38 18.47 -7.08
C ASN A 63 -9.77 17.60 -8.26
N THR A 64 -11.07 17.47 -8.54
CA THR A 64 -11.50 16.70 -9.71
C THR A 64 -10.93 17.28 -11.00
N ARG A 65 -11.11 18.57 -11.21
CA ARG A 65 -10.57 19.23 -12.39
C ARG A 65 -9.08 18.95 -12.53
N ASN A 66 -8.33 19.09 -11.43
CA ASN A 66 -6.89 18.92 -11.51
C ASN A 66 -6.50 17.46 -11.75
N VAL A 67 -7.16 16.51 -11.07
CA VAL A 67 -6.78 15.12 -11.24
C VAL A 67 -7.03 14.67 -12.69
N LYS A 68 -8.12 15.17 -13.31
CA LYS A 68 -8.43 14.79 -14.69
C LYS A 68 -7.37 15.32 -15.64
N ALA A 69 -6.93 16.56 -15.45
CA ALA A 69 -5.83 17.07 -16.25
C ALA A 69 -4.61 16.13 -16.16
N HIS A 70 -4.25 15.74 -14.94
CA HIS A 70 -3.09 14.86 -14.76
C HIS A 70 -3.25 13.54 -15.50
N SER A 71 -4.45 12.98 -15.52
CA SER A 71 -4.65 11.75 -16.27
C SER A 71 -4.42 11.96 -17.76
N GLN A 72 -4.92 13.08 -18.31
CA GLN A 72 -4.73 13.33 -19.75
C GLN A 72 -3.26 13.50 -20.06
N THR A 73 -2.58 14.30 -19.25
CA THR A 73 -1.13 14.46 -19.42
C THR A 73 -0.40 13.12 -19.35
N ASP A 74 -0.88 12.17 -18.53
CA ASP A 74 -0.17 10.91 -18.48
C ASP A 74 -0.51 10.00 -19.67
N ARG A 75 -1.73 10.10 -20.24
CA ARG A 75 -1.99 9.38 -21.50
C ARG A 75 -1.08 9.89 -22.62
N ALA A 76 -0.82 11.21 -22.62
CA ALA A 76 0.19 11.75 -23.52
C ALA A 76 1.57 11.20 -23.18
N ASN A 77 1.92 11.21 -21.89
CA ASN A 77 3.25 10.80 -21.46
C ASN A 77 3.55 9.37 -21.87
N LEU A 78 2.56 8.48 -21.75
CA LEU A 78 2.73 7.11 -22.22
C LEU A 78 3.16 7.08 -23.67
N GLY A 79 2.53 7.90 -24.52
CA GLY A 79 2.86 7.87 -25.93
C GLY A 79 4.26 8.38 -26.21
N THR A 80 4.66 9.48 -25.54
CA THR A 80 6.01 10.01 -25.73
C THR A 80 7.08 8.99 -25.35
N LEU A 81 6.88 8.29 -24.24
CA LEU A 81 7.91 7.36 -23.77
C LEU A 81 8.06 6.18 -24.72
N ARG A 82 6.97 5.70 -25.30
CA ARG A 82 7.13 4.58 -26.21
C ARG A 82 7.81 4.99 -27.51
N GLY A 83 7.95 6.29 -27.77
CA GLY A 83 8.84 6.77 -28.79
C GLY A 83 10.30 6.79 -28.36
N TYR A 84 10.59 7.40 -27.21
CA TYR A 84 11.97 7.45 -26.74
C TYR A 84 12.58 6.05 -26.64
N TYR A 85 11.77 5.01 -26.38
CA TYR A 85 12.28 3.64 -26.25
C TYR A 85 12.08 2.77 -27.49
N ASN A 86 11.40 3.29 -28.53
CA ASN A 86 11.14 2.54 -29.77
C ASN A 86 10.39 1.22 -29.50
N GLN A 87 9.36 1.30 -28.66
CA GLN A 87 8.53 0.16 -28.33
C GLN A 87 7.34 0.05 -29.27
N SER A 88 6.84 -1.17 -29.46
CA SER A 88 5.72 -1.36 -30.35
C SER A 88 4.43 -0.87 -29.69
N GLU A 89 3.36 -0.77 -30.48
CA GLU A 89 2.06 -0.36 -29.96
C GLU A 89 1.23 -1.53 -29.42
N ASP A 90 1.64 -2.78 -29.63
CA ASP A 90 0.87 -3.91 -29.12
C ASP A 90 1.03 -4.10 -27.61
N GLY A 91 2.05 -3.48 -27.03
CA GLY A 91 2.45 -3.79 -25.67
C GLY A 91 1.84 -2.83 -24.66
N SER A 92 1.44 -3.38 -23.53
CA SER A 92 0.96 -2.60 -22.40
C SER A 92 2.14 -2.05 -21.59
N HIS A 93 2.03 -0.78 -21.20
CA HIS A 93 3.09 -0.10 -20.46
C HIS A 93 2.48 0.67 -19.29
N THR A 94 3.34 1.03 -18.33
CA THR A 94 2.90 1.63 -17.07
C THR A 94 3.68 2.89 -16.75
N ILE A 95 2.98 3.92 -16.27
CA ILE A 95 3.62 5.07 -15.64
C ILE A 95 3.09 5.20 -14.21
N GLN A 96 4.00 5.30 -13.25
CA GLN A 96 3.65 5.53 -11.85
C GLN A 96 4.31 6.80 -11.36
N ARG A 97 3.62 7.50 -10.46
CA ARG A 97 4.15 8.74 -9.88
C ARG A 97 3.79 8.83 -8.42
N MET A 98 4.73 9.30 -7.63
CA MET A 98 4.53 9.58 -6.22
C MET A 98 5.04 10.99 -5.94
N TYR A 99 4.21 11.82 -5.31
CA TYR A 99 4.67 13.12 -4.85
C TYR A 99 4.00 13.47 -3.54
N GLY A 100 4.62 14.39 -2.82
CA GLY A 100 4.06 14.90 -1.58
C GLY A 100 5.15 15.52 -0.72
N CYS A 101 4.85 15.63 0.58
CA CYS A 101 5.67 16.39 1.51
C CYS A 101 5.62 15.76 2.91
N ASP A 102 6.69 15.97 3.70
CA ASP A 102 6.74 15.59 5.11
C ASP A 102 6.85 16.83 6.01
N VAL A 103 6.18 16.79 7.17
CA VAL A 103 6.42 17.72 8.27
C VAL A 103 6.99 16.97 9.47
N GLY A 104 7.82 17.67 10.24
CA GLY A 104 8.33 17.15 11.47
C GLY A 104 7.28 17.21 12.58
N PRO A 105 7.64 16.70 13.76
CA PRO A 105 6.65 16.62 14.85
C PRO A 105 6.24 17.97 15.44
N ASP A 106 6.98 19.05 15.18
CA ASP A 106 6.52 20.38 15.55
C ASP A 106 5.67 21.04 14.46
N GLY A 107 5.44 20.37 13.34
CA GLY A 107 4.60 20.91 12.28
C GLY A 107 5.32 21.57 11.13
N ARG A 108 6.65 21.67 11.16
CA ARG A 108 7.41 22.41 10.17
C ARG A 108 7.80 21.53 8.98
N PHE A 109 8.07 22.20 7.85
CA PHE A 109 8.49 21.53 6.61
C PHE A 109 9.79 20.76 6.79
N LEU A 110 9.83 19.58 6.21
CA LEU A 110 11.01 18.73 6.33
C LEU A 110 11.56 18.29 4.99
N ARG A 111 10.70 18.01 4.02
CA ARG A 111 11.06 17.33 2.78
C ARG A 111 9.88 17.38 1.83
N GLY A 112 10.15 17.67 0.56
CA GLY A 112 9.15 17.46 -0.46
C GLY A 112 9.71 16.47 -1.47
N TYR A 113 8.86 15.82 -2.27
CA TYR A 113 9.44 14.89 -3.21
C TYR A 113 8.51 14.66 -4.39
N GLN A 114 9.10 14.20 -5.49
CA GLN A 114 8.34 13.70 -6.64
C GLN A 114 9.22 12.76 -7.44
N GLN A 115 8.77 11.52 -7.59
CA GLN A 115 9.48 10.48 -8.32
C GLN A 115 8.56 9.88 -9.35
N ASP A 116 9.10 9.53 -10.53
CA ASP A 116 8.33 8.89 -11.60
C ASP A 116 9.00 7.59 -12.02
N ALA A 117 8.20 6.58 -12.33
CA ALA A 117 8.74 5.32 -12.80
C ALA A 117 8.03 4.89 -14.06
N TYR A 118 8.75 4.20 -14.94
CA TYR A 118 8.22 3.63 -16.16
C TYR A 118 8.45 2.12 -16.17
N ASP A 119 7.40 1.36 -16.40
CA ASP A 119 7.44 -0.11 -16.37
C ASP A 119 8.10 -0.64 -15.09
N GLY A 120 7.91 0.07 -13.98
CA GLY A 120 8.33 -0.41 -12.68
C GLY A 120 9.76 -0.07 -12.28
N LYS A 121 10.47 0.75 -13.07
CA LYS A 121 11.84 1.16 -12.73
C LYS A 121 11.94 2.67 -12.76
N ASP A 122 12.84 3.22 -11.92
CA ASP A 122 12.99 4.67 -11.79
C ASP A 122 13.09 5.30 -13.15
N TYR A 123 12.40 6.43 -13.34
CA TYR A 123 12.56 7.17 -14.58
C TYR A 123 13.19 8.53 -14.32
N ILE A 124 12.54 9.40 -13.55
CA ILE A 124 13.17 10.66 -13.18
C ILE A 124 12.64 11.06 -11.80
N ALA A 125 13.50 11.72 -11.01
CA ALA A 125 13.11 12.13 -9.67
C ALA A 125 13.59 13.55 -9.40
N LEU A 126 12.80 14.27 -8.60
CA LEU A 126 13.18 15.59 -8.12
C LEU A 126 14.16 15.47 -6.95
N ASN A 127 15.21 16.27 -6.99
CA ASN A 127 16.23 16.23 -5.95
C ASN A 127 15.72 16.92 -4.69
N GLU A 128 16.33 16.58 -3.55
CA GLU A 128 15.89 17.11 -2.26
C GLU A 128 15.96 18.64 -2.19
N ASP A 129 16.81 19.28 -2.98
CA ASP A 129 16.81 20.73 -2.97
C ASP A 129 15.61 21.34 -3.71
N LEU A 130 14.83 20.52 -4.42
CA LEU A 130 13.63 20.96 -5.14
C LEU A 130 13.94 21.88 -6.32
N ARG A 131 15.17 21.86 -6.82
CA ARG A 131 15.53 22.75 -7.90
C ARG A 131 16.24 22.05 -9.04
N SER A 132 16.47 20.74 -8.94
CA SER A 132 17.08 19.96 -10.01
C SER A 132 16.51 18.56 -9.99
N TRP A 133 16.90 17.74 -10.98
CA TRP A 133 16.38 16.39 -11.09
C TRP A 133 17.52 15.40 -11.26
N THR A 134 17.19 14.14 -11.02
CA THR A 134 18.05 13.00 -11.33
C THR A 134 17.34 12.09 -12.31
N ALA A 135 18.01 11.74 -13.40
CA ALA A 135 17.43 10.84 -14.39
C ALA A 135 18.13 9.50 -14.33
N ALA A 136 17.41 8.46 -14.77
CA ALA A 136 17.90 7.10 -14.66
C ALA A 136 18.59 6.57 -15.92
N ASP A 137 18.29 7.12 -17.10
CA ASP A 137 18.83 6.58 -18.35
C ASP A 137 18.92 7.72 -19.36
N MET A 138 19.19 7.37 -20.62
CA MET A 138 19.33 8.37 -21.66
C MET A 138 17.99 9.06 -21.94
N ALA A 139 16.93 8.26 -22.14
CA ALA A 139 15.61 8.80 -22.47
C ALA A 139 15.16 9.84 -21.45
N ALA A 140 15.39 9.56 -20.16
CA ALA A 140 14.97 10.47 -19.10
C ALA A 140 15.76 11.77 -19.12
N GLN A 141 17.00 11.75 -19.63
CA GLN A 141 17.76 13.00 -19.70
C GLN A 141 17.20 13.95 -20.76
N ILE A 142 16.47 13.45 -21.75
CA ILE A 142 15.73 14.36 -22.63
C ILE A 142 14.70 15.12 -21.81
N THR A 143 14.00 14.43 -20.91
CA THR A 143 13.05 15.10 -20.02
C THR A 143 13.77 16.05 -19.08
N GLN A 144 14.95 15.65 -18.58
CA GLN A 144 15.69 16.51 -17.67
C GLN A 144 16.15 17.80 -18.36
N ARG A 145 16.36 17.75 -19.68
CA ARG A 145 16.79 18.97 -20.38
C ARG A 145 15.60 19.86 -20.68
N LYS A 146 14.48 19.27 -21.12
CA LYS A 146 13.22 19.98 -21.24
C LYS A 146 12.94 20.80 -19.98
N TRP A 147 12.79 20.11 -18.84
CA TRP A 147 12.42 20.76 -17.59
C TRP A 147 13.45 21.76 -17.09
N GLU A 148 14.69 21.68 -17.55
CA GLU A 148 15.65 22.71 -17.18
C GLU A 148 15.52 23.94 -18.07
N THR A 149 15.12 23.76 -19.33
CA THR A 149 14.96 24.89 -20.25
C THR A 149 13.82 25.79 -19.82
N ALA A 150 12.63 25.22 -19.64
CA ALA A 150 11.58 25.91 -18.89
C ALA A 150 12.07 26.00 -17.45
N HIS A 151 11.27 26.53 -16.54
CA HIS A 151 11.68 26.53 -15.14
C HIS A 151 10.63 25.79 -14.33
N GLU A 152 10.57 24.48 -14.56
CA GLU A 152 9.55 23.65 -13.93
C GLU A 152 9.75 23.61 -12.42
N ALA A 153 10.99 23.42 -11.96
CA ALA A 153 11.24 23.17 -10.54
C ALA A 153 10.56 24.21 -9.67
N GLU A 154 10.74 25.50 -9.99
CA GLU A 154 10.11 26.56 -9.21
C GLU A 154 8.62 26.30 -9.01
N GLN A 155 7.92 25.81 -10.04
CA GLN A 155 6.52 25.44 -9.89
C GLN A 155 6.36 24.26 -8.92
N TRP A 156 7.10 23.18 -9.16
CA TRP A 156 7.12 22.06 -8.24
C TRP A 156 7.37 22.55 -6.82
N ARG A 157 8.40 23.40 -6.67
CA ARG A 157 8.82 23.86 -5.35
C ARG A 157 7.70 24.62 -4.66
N ALA A 158 6.94 25.40 -5.42
CA ALA A 158 5.86 26.19 -4.82
C ALA A 158 4.82 25.30 -4.20
N TYR A 159 4.39 24.27 -4.93
CA TYR A 159 3.42 23.36 -4.37
C TYR A 159 3.98 22.62 -3.16
N LEU A 160 5.16 22.01 -3.31
CA LEU A 160 5.67 21.13 -2.26
C LEU A 160 5.95 21.90 -0.97
N GLU A 161 6.59 23.06 -1.06
CA GLU A 161 6.88 23.85 0.13
C GLU A 161 5.71 24.72 0.54
N GLY A 162 4.63 24.75 -0.23
CA GLY A 162 3.51 25.63 0.04
C GLY A 162 2.20 24.92 0.30
N ARG A 163 1.37 24.80 -0.72
CA ARG A 163 0.04 24.22 -0.54
C ARG A 163 0.11 22.82 0.08
N CYS A 164 1.14 22.04 -0.25
CA CYS A 164 1.22 20.67 0.24
C CYS A 164 1.31 20.65 1.76
N VAL A 165 2.34 21.30 2.31
CA VAL A 165 2.47 21.38 3.77
C VAL A 165 1.22 22.00 4.39
N GLU A 166 0.69 23.06 3.77
CA GLU A 166 -0.44 23.76 4.39
C GLU A 166 -1.65 22.86 4.50
N TRP A 167 -1.99 22.15 3.43
CA TRP A 167 -3.13 21.24 3.50
C TRP A 167 -2.84 20.02 4.38
N LEU A 168 -1.58 19.57 4.44
CA LEU A 168 -1.26 18.47 5.37
C LEU A 168 -1.53 18.89 6.82
N ARG A 169 -1.21 20.14 7.18
CA ARG A 169 -1.47 20.61 8.54
C ARG A 169 -2.96 20.73 8.81
N ARG A 170 -3.73 21.17 7.82
CA ARG A 170 -5.18 21.21 7.98
C ARG A 170 -5.76 19.82 8.16
N TYR A 171 -5.34 18.85 7.32
CA TYR A 171 -5.86 17.49 7.46
C TYR A 171 -5.55 16.93 8.83
N LEU A 172 -4.33 17.18 9.33
CA LEU A 172 -3.92 16.63 10.61
C LEU A 172 -4.77 17.15 11.76
N GLU A 173 -5.35 18.34 11.62
CA GLU A 173 -6.24 18.87 12.66
C GLU A 173 -7.65 18.32 12.53
N ASN A 174 -8.23 18.35 11.32
CA ASN A 174 -9.62 17.92 11.15
C ASN A 174 -9.82 16.48 11.59
N GLY A 175 -8.94 15.58 11.17
CA GLY A 175 -9.01 14.18 11.57
C GLY A 175 -8.02 13.90 12.69
N LYS A 176 -7.89 14.84 13.63
CA LYS A 176 -7.09 14.62 14.84
C LYS A 176 -7.30 13.22 15.41
N GLU A 177 -8.56 12.82 15.53
CA GLU A 177 -8.93 11.61 16.25
C GLU A 177 -8.61 10.34 15.48
N THR A 178 -8.60 10.41 14.15
CA THR A 178 -8.12 9.30 13.34
C THR A 178 -6.61 9.35 13.18
N LEU A 179 -6.06 10.51 12.85
CA LEU A 179 -4.71 10.56 12.30
C LEU A 179 -3.63 10.71 13.35
N GLN A 180 -3.92 11.32 14.50
CA GLN A 180 -2.89 11.48 15.52
C GLN A 180 -2.97 10.44 16.60
N ARG A 181 -3.87 9.48 16.48
CA ARG A 181 -3.95 8.36 17.40
C ARG A 181 -2.77 7.41 17.19
N THR A 182 -2.54 6.58 18.21
CA THR A 182 -1.74 5.37 18.07
C THR A 182 -2.51 4.28 18.79
N ASP A 183 -2.79 3.17 18.10
CA ASP A 183 -3.42 2.00 18.70
C ASP A 183 -2.32 0.97 18.95
N ALA A 184 -2.05 0.69 20.23
CA ALA A 184 -1.01 -0.28 20.53
C ALA A 184 -1.44 -1.66 20.06
N PRO A 185 -0.49 -2.54 19.72
CA PRO A 185 -0.87 -3.90 19.29
C PRO A 185 -1.55 -4.70 20.41
N LYS A 186 -2.57 -5.48 20.04
CA LYS A 186 -3.08 -6.56 20.90
C LYS A 186 -2.29 -7.83 20.58
N THR A 187 -1.62 -8.39 21.58
CA THR A 187 -0.62 -9.43 21.35
C THR A 187 -0.99 -10.74 22.06
N HIS A 188 -0.62 -11.87 21.45
CA HIS A 188 -0.70 -13.17 22.11
C HIS A 188 0.19 -14.17 21.36
N MET A 189 0.24 -15.40 21.87
CA MET A 189 1.04 -16.48 21.31
C MET A 189 0.15 -17.68 21.00
N THR A 190 0.50 -18.44 19.96
CA THR A 190 -0.12 -19.72 19.65
C THR A 190 0.94 -20.80 19.52
N HIS A 191 0.49 -22.05 19.55
CA HIS A 191 1.33 -23.24 19.66
C HIS A 191 0.77 -24.32 18.76
N HIS A 192 1.63 -24.92 17.94
CA HIS A 192 1.19 -25.97 17.03
C HIS A 192 2.32 -26.97 16.87
N ALA A 193 1.96 -28.25 16.81
CA ALA A 193 2.94 -29.32 16.69
C ALA A 193 3.28 -29.56 15.22
N VAL A 194 4.58 -29.47 14.89
CA VAL A 194 5.05 -29.95 13.59
C VAL A 194 5.09 -31.48 13.58
N SER A 195 5.46 -32.07 14.71
CA SER A 195 5.48 -33.52 14.89
C SER A 195 5.62 -33.85 16.38
N ASP A 196 6.66 -34.61 16.72
CA ASP A 196 7.00 -34.93 18.10
C ASP A 196 8.28 -34.29 18.57
N HIS A 197 9.23 -34.01 17.68
CA HIS A 197 10.48 -33.39 18.07
C HIS A 197 10.42 -31.87 18.05
N GLU A 198 9.61 -31.28 17.18
CA GLU A 198 9.51 -29.82 17.03
C GLU A 198 8.06 -29.38 17.13
N ALA A 199 7.88 -28.08 17.31
CA ALA A 199 6.57 -27.44 17.26
C ALA A 199 6.76 -25.97 16.93
N THR A 200 5.68 -25.35 16.44
CA THR A 200 5.69 -23.97 15.99
C THR A 200 5.22 -23.03 17.11
N LEU A 201 5.97 -21.95 17.35
CA LEU A 201 5.58 -20.88 18.26
C LEU A 201 5.25 -19.65 17.43
N ARG A 202 4.06 -19.11 17.58
CA ARG A 202 3.65 -17.99 16.74
C ARG A 202 3.24 -16.79 17.59
N CYS A 203 3.80 -15.63 17.27
CA CYS A 203 3.62 -14.42 18.03
C CYS A 203 2.82 -13.42 17.21
N TRP A 204 1.69 -12.97 17.74
CA TRP A 204 0.74 -12.16 17.00
C TRP A 204 0.70 -10.72 17.51
N ALA A 205 0.67 -9.75 16.61
CA ALA A 205 0.32 -8.37 16.93
C ALA A 205 -0.87 -7.96 16.09
N LEU A 206 -1.95 -7.51 16.73
CA LEU A 206 -3.19 -7.27 16.02
C LEU A 206 -3.73 -5.89 16.31
N SER A 207 -4.48 -5.35 15.33
CA SER A 207 -5.26 -4.12 15.50
C SER A 207 -4.39 -2.92 15.89
N PHE A 208 -3.21 -2.81 15.28
CA PHE A 208 -2.33 -1.69 15.61
C PHE A 208 -2.32 -0.64 14.49
N TYR A 209 -1.85 0.55 14.86
CA TYR A 209 -1.76 1.76 14.02
C TYR A 209 -0.77 2.71 14.68
N PRO A 210 0.13 3.35 13.93
CA PRO A 210 0.35 3.23 12.47
C PRO A 210 1.01 1.89 12.18
N ALA A 211 1.48 1.62 10.96
CA ALA A 211 1.80 0.24 10.58
C ALA A 211 3.20 -0.20 11.03
N GLU A 212 4.09 0.76 11.27
CA GLU A 212 5.45 0.42 11.67
C GLU A 212 5.42 -0.38 12.96
N ILE A 213 6.21 -1.45 13.04
CA ILE A 213 6.27 -2.31 14.22
C ILE A 213 7.46 -3.25 14.07
N THR A 214 7.95 -3.79 15.20
CA THR A 214 9.09 -4.72 15.22
C THR A 214 8.77 -5.94 16.10
N LEU A 215 8.65 -7.11 15.49
CA LEU A 215 8.56 -8.39 16.20
C LEU A 215 9.89 -9.12 16.03
N THR A 216 10.51 -9.42 17.16
CA THR A 216 11.77 -10.15 17.18
C THR A 216 11.63 -11.29 18.17
N TRP A 217 12.20 -12.43 17.83
CA TRP A 217 12.30 -13.54 18.76
C TRP A 217 13.66 -13.51 19.43
N GLN A 218 13.69 -13.97 20.67
CA GLN A 218 14.94 -14.20 21.38
C GLN A 218 14.79 -15.52 22.12
N ARG A 219 15.58 -16.51 21.73
CA ARG A 219 15.81 -17.69 22.55
C ARG A 219 17.04 -17.42 23.39
N ASP A 220 16.84 -17.24 24.70
CA ASP A 220 17.89 -17.00 25.68
C ASP A 220 18.55 -15.63 25.54
N GLY A 221 18.07 -14.76 24.64
CA GLY A 221 18.59 -13.41 24.48
C GLY A 221 19.22 -13.10 23.14
N GLU A 222 19.61 -14.12 22.37
CA GLU A 222 20.16 -13.89 21.03
C GLU A 222 19.03 -13.73 20.04
N ASP A 223 19.06 -12.64 19.28
CA ASP A 223 18.06 -12.37 18.25
C ASP A 223 17.93 -13.54 17.28
N GLN A 224 17.08 -14.51 17.62
CA GLN A 224 16.91 -15.70 16.80
C GLN A 224 16.34 -15.33 15.44
N THR A 225 17.12 -15.60 14.39
CA THR A 225 16.73 -15.33 13.01
C THR A 225 16.72 -16.59 12.15
N GLN A 226 17.03 -17.75 12.72
CA GLN A 226 16.92 -19.03 12.03
C GLN A 226 15.62 -19.70 12.44
N ASP A 227 15.00 -20.38 11.48
CA ASP A 227 13.71 -21.05 11.63
C ASP A 227 12.57 -20.10 11.97
N THR A 228 12.81 -18.79 11.90
CA THR A 228 11.78 -17.79 12.16
C THR A 228 11.19 -17.30 10.85
N GLU A 229 9.88 -17.44 10.70
CA GLU A 229 9.16 -16.79 9.61
C GLU A 229 8.64 -15.44 10.10
N LEU A 230 8.45 -14.52 9.15
CA LEU A 230 8.12 -13.13 9.50
C LEU A 230 7.31 -12.56 8.33
N VAL A 231 5.99 -12.50 8.49
CA VAL A 231 5.15 -12.16 7.35
C VAL A 231 5.11 -10.65 7.18
N GLU A 232 4.94 -10.24 5.93
CA GLU A 232 4.75 -8.84 5.60
C GLU A 232 3.54 -8.29 6.37
N THR A 233 3.75 -7.17 7.04
CA THR A 233 2.66 -6.43 7.66
C THR A 233 1.52 -6.23 6.67
N ARG A 234 0.29 -6.46 7.14
CA ARG A 234 -0.89 -6.51 6.30
C ARG A 234 -2.02 -5.70 6.91
N PRO A 235 -2.95 -5.22 6.08
CA PRO A 235 -4.07 -4.43 6.60
C PRO A 235 -5.25 -5.29 7.03
N ALA A 236 -5.87 -4.90 8.15
CA ALA A 236 -7.06 -5.59 8.65
C ALA A 236 -8.34 -5.21 7.90
N GLY A 237 -8.38 -4.03 7.27
CA GLY A 237 -9.56 -3.59 6.53
C GLY A 237 -10.41 -2.55 7.25
N ASP A 238 -10.06 -2.20 8.48
CA ASP A 238 -10.79 -1.25 9.31
C ASP A 238 -9.91 -0.07 9.76
N GLY A 239 -8.76 0.10 9.14
CA GLY A 239 -7.86 1.16 9.50
C GLY A 239 -6.64 0.70 10.27
N THR A 240 -6.64 -0.54 10.79
CA THR A 240 -5.52 -1.08 11.57
C THR A 240 -4.77 -2.15 10.76
N PHE A 241 -3.69 -2.65 11.36
CA PHE A 241 -2.77 -3.57 10.70
C PHE A 241 -2.53 -4.81 11.56
N GLN A 242 -1.88 -5.81 10.96
CA GLN A 242 -1.60 -7.09 11.61
C GLN A 242 -0.23 -7.59 11.21
N LYS A 243 0.36 -8.40 12.09
CA LYS A 243 1.66 -9.00 11.82
C LYS A 243 1.86 -10.19 12.74
N TRP A 244 2.57 -11.20 12.26
CA TRP A 244 3.03 -12.27 13.14
C TRP A 244 4.43 -12.70 12.76
N ALA A 245 5.04 -13.45 13.67
CA ALA A 245 6.35 -14.04 13.50
C ALA A 245 6.33 -15.38 14.21
N SER A 246 6.82 -16.42 13.54
CA SER A 246 6.88 -17.75 14.10
C SER A 246 8.32 -18.17 14.26
N VAL A 247 8.51 -19.30 14.94
CA VAL A 247 9.83 -19.89 15.13
C VAL A 247 9.60 -21.36 15.47
N VAL A 248 10.32 -22.24 14.79
CA VAL A 248 10.22 -23.65 15.11
C VAL A 248 11.10 -23.93 16.33
N VAL A 249 10.55 -24.65 17.30
CA VAL A 249 11.25 -24.92 18.55
C VAL A 249 11.19 -26.42 18.82
N PRO A 250 12.20 -27.00 19.49
CA PRO A 250 12.13 -28.43 19.81
C PRO A 250 11.30 -28.66 21.06
N SER A 251 10.43 -29.67 21.00
CA SER A 251 9.58 -30.03 22.13
C SER A 251 10.37 -30.00 23.43
N GLY A 252 9.88 -29.22 24.39
CA GLY A 252 10.52 -29.09 25.68
C GLY A 252 11.38 -27.86 25.89
N GLN A 253 11.70 -27.11 24.84
CA GLN A 253 12.50 -25.90 24.99
C GLN A 253 11.70 -24.61 24.93
N GLU A 254 10.37 -24.70 24.78
CA GLU A 254 9.55 -23.51 24.53
C GLU A 254 9.88 -22.37 25.50
N GLN A 255 10.13 -22.70 26.77
CA GLN A 255 10.34 -21.69 27.80
C GLN A 255 11.61 -20.88 27.58
N ARG A 256 12.53 -21.35 26.73
CA ARG A 256 13.68 -20.55 26.33
C ARG A 256 13.24 -19.33 25.54
N TYR A 257 12.24 -19.49 24.67
CA TYR A 257 11.94 -18.50 23.65
C TYR A 257 11.04 -17.41 24.20
N THR A 258 11.41 -16.16 23.97
CA THR A 258 10.55 -15.02 24.22
C THR A 258 10.29 -14.30 22.92
N CYS A 259 9.16 -13.61 22.85
CA CYS A 259 8.85 -12.73 21.73
C CYS A 259 8.93 -11.30 22.24
N HIS A 260 9.45 -10.39 21.41
CA HIS A 260 9.61 -9.00 21.82
C HIS A 260 9.00 -8.08 20.77
N VAL A 261 8.18 -7.14 21.23
CA VAL A 261 7.32 -6.33 20.39
C VAL A 261 7.54 -4.87 20.76
N GLN A 262 7.92 -4.05 19.77
CA GLN A 262 7.98 -2.59 19.90
C GLN A 262 6.96 -1.92 18.99
N HIS A 263 6.34 -0.86 19.48
CA HIS A 263 5.40 -0.09 18.69
C HIS A 263 5.23 1.28 19.33
N GLU A 264 4.89 2.27 18.50
CA GLU A 264 4.83 3.65 18.96
C GLU A 264 3.78 3.83 20.06
N GLY A 265 2.71 3.03 20.04
CA GLY A 265 1.62 3.12 20.99
C GLY A 265 1.82 2.44 22.32
N LEU A 266 2.93 1.69 22.48
CA LEU A 266 3.28 0.93 23.67
C LEU A 266 4.02 1.82 24.66
N PRO A 267 3.55 1.89 25.91
CA PRO A 267 4.33 2.63 26.92
C PRO A 267 5.75 2.12 27.08
N LYS A 268 5.96 0.80 27.08
CA LYS A 268 7.26 0.16 26.98
C LYS A 268 7.18 -0.92 25.90
N PRO A 269 8.30 -1.50 25.49
CA PRO A 269 8.24 -2.71 24.67
C PRO A 269 7.66 -3.88 25.44
N LEU A 270 7.08 -4.84 24.71
CA LEU A 270 6.37 -5.99 25.28
C LEU A 270 7.18 -7.27 25.16
N THR A 271 7.05 -8.15 26.15
CA THR A 271 7.68 -9.45 26.09
C THR A 271 6.62 -10.53 26.30
N LEU A 272 6.69 -11.59 25.50
CA LEU A 272 5.74 -12.70 25.61
C LEU A 272 6.51 -14.00 25.67
N ARG A 273 6.11 -14.89 26.57
CA ARG A 273 6.72 -16.21 26.66
C ARG A 273 5.63 -17.26 26.83
N TRP A 274 5.82 -18.41 26.18
CA TRP A 274 4.88 -19.51 26.26
C TRP A 274 4.95 -20.20 27.63
N ILE B 1 11.06 -5.89 -15.83
CA ILE B 1 10.83 -7.22 -15.29
C ILE B 1 9.47 -7.24 -14.62
N GLN B 2 8.94 -8.44 -14.39
CA GLN B 2 7.66 -8.63 -13.73
C GLN B 2 7.89 -9.34 -12.39
N ARG B 3 6.96 -9.12 -11.46
CA ARG B 3 7.10 -9.58 -10.09
C ARG B 3 5.85 -10.32 -9.68
N THR B 4 6.03 -11.45 -9.02
CA THR B 4 4.88 -12.29 -8.75
C THR B 4 4.26 -11.93 -7.39
N PRO B 5 2.94 -12.05 -7.27
CA PRO B 5 2.27 -11.59 -6.06
C PRO B 5 2.49 -12.48 -4.85
N LYS B 6 2.77 -11.85 -3.71
CA LYS B 6 2.69 -12.52 -2.42
C LYS B 6 1.24 -12.46 -1.96
N ILE B 7 0.79 -13.51 -1.27
CA ILE B 7 -0.63 -13.69 -0.97
C ILE B 7 -0.76 -14.06 0.50
N GLN B 8 -1.71 -13.43 1.18
CA GLN B 8 -2.05 -13.80 2.55
C GLN B 8 -3.57 -13.84 2.65
N VAL B 9 -4.12 -14.91 3.21
CA VAL B 9 -5.57 -14.99 3.47
C VAL B 9 -5.77 -15.04 4.98
N TYR B 10 -6.67 -14.21 5.48
CA TYR B 10 -6.82 -14.06 6.92
C TYR B 10 -8.14 -13.35 7.16
N SER B 11 -8.55 -13.34 8.42
CA SER B 11 -9.79 -12.67 8.83
C SER B 11 -9.47 -11.36 9.54
N ARG B 12 -10.42 -10.42 9.46
CA ARG B 12 -10.22 -9.10 10.06
C ARG B 12 -10.14 -9.17 11.58
N HIS B 13 -11.02 -9.95 12.19
CA HIS B 13 -11.02 -10.22 13.62
C HIS B 13 -10.69 -11.68 13.87
N PRO B 14 -10.24 -12.02 15.08
CA PRO B 14 -9.96 -13.43 15.36
C PRO B 14 -11.23 -14.26 15.24
N ALA B 15 -11.11 -15.40 14.58
CA ALA B 15 -12.25 -16.19 14.15
C ALA B 15 -12.99 -16.78 15.36
N GLU B 16 -14.25 -16.37 15.53
CA GLU B 16 -15.18 -16.98 16.48
C GLU B 16 -16.40 -17.49 15.74
N ASN B 17 -16.72 -18.78 15.90
CA ASN B 17 -17.78 -19.41 15.11
C ASN B 17 -19.13 -18.78 15.37
N GLY B 18 -19.87 -18.50 14.29
CA GLY B 18 -21.18 -17.87 14.39
C GLY B 18 -21.18 -16.36 14.55
N LYS B 19 -20.01 -15.74 14.76
CA LYS B 19 -19.88 -14.29 14.89
C LYS B 19 -19.46 -13.68 13.55
N SER B 20 -20.13 -12.58 13.19
CA SER B 20 -19.89 -11.96 11.89
C SER B 20 -18.48 -11.37 11.80
N ASN B 21 -17.82 -11.64 10.68
CA ASN B 21 -16.42 -11.27 10.49
C ASN B 21 -16.22 -10.86 9.03
N PHE B 22 -14.96 -10.67 8.65
CA PHE B 22 -14.56 -10.35 7.28
C PHE B 22 -13.41 -11.26 6.88
N LEU B 23 -13.51 -11.82 5.68
CA LEU B 23 -12.44 -12.62 5.11
C LEU B 23 -11.63 -11.75 4.14
N ASN B 24 -10.29 -11.82 4.25
CA ASN B 24 -9.37 -10.93 3.54
C ASN B 24 -8.42 -11.72 2.65
N CYS B 25 -8.13 -11.18 1.47
CA CYS B 25 -7.07 -11.69 0.62
C CYS B 25 -6.21 -10.52 0.18
N TYR B 26 -5.02 -10.44 0.73
CA TYR B 26 -4.12 -9.33 0.49
C TYR B 26 -3.03 -9.80 -0.45
N VAL B 27 -2.94 -9.17 -1.62
CA VAL B 27 -1.90 -9.47 -2.59
C VAL B 27 -1.02 -8.23 -2.71
N SER B 28 0.29 -8.46 -2.77
CA SER B 28 1.22 -7.35 -2.72
C SER B 28 2.53 -7.79 -3.36
N GLY B 29 3.38 -6.81 -3.63
CA GLY B 29 4.67 -7.04 -4.24
C GLY B 29 4.64 -7.44 -5.70
N PHE B 30 3.56 -7.17 -6.41
CA PHE B 30 3.45 -7.65 -7.78
C PHE B 30 3.63 -6.51 -8.79
N HIS B 31 4.00 -6.90 -10.00
CA HIS B 31 4.12 -5.99 -11.15
C HIS B 31 4.00 -6.80 -12.43
N PRO B 32 3.16 -6.40 -13.41
CA PRO B 32 2.36 -5.16 -13.49
C PRO B 32 1.01 -5.27 -12.80
N SER B 33 0.17 -4.23 -12.84
CA SER B 33 -0.94 -4.13 -11.90
C SER B 33 -2.16 -4.98 -12.28
N ASP B 34 -2.25 -5.49 -13.51
CA ASP B 34 -3.34 -6.39 -13.86
C ASP B 34 -3.27 -7.67 -13.03
N ILE B 35 -4.36 -7.98 -12.32
CA ILE B 35 -4.43 -9.15 -11.46
C ILE B 35 -5.90 -9.51 -11.32
N GLU B 36 -6.19 -10.80 -11.21
CA GLU B 36 -7.55 -11.24 -10.96
C GLU B 36 -7.58 -12.07 -9.67
N VAL B 37 -8.48 -11.69 -8.76
CA VAL B 37 -8.56 -12.27 -7.43
C VAL B 37 -9.99 -12.71 -7.16
N ASP B 38 -10.16 -13.93 -6.67
CA ASP B 38 -11.47 -14.45 -6.32
C ASP B 38 -11.44 -15.09 -4.93
N LEU B 39 -12.50 -14.88 -4.17
CA LEU B 39 -12.73 -15.57 -2.90
C LEU B 39 -13.67 -16.76 -3.13
N LEU B 40 -13.38 -17.89 -2.50
CA LEU B 40 -14.09 -19.14 -2.74
C LEU B 40 -14.67 -19.71 -1.45
N LYS B 41 -15.99 -19.96 -1.46
CA LYS B 41 -16.65 -20.73 -0.39
C LYS B 41 -16.93 -22.13 -0.91
N ASN B 42 -16.15 -23.09 -0.42
CA ASN B 42 -16.24 -24.50 -0.81
C ASN B 42 -16.06 -24.66 -2.33
N GLY B 43 -15.05 -23.97 -2.88
CA GLY B 43 -14.75 -24.03 -4.30
C GLY B 43 -15.61 -23.16 -5.20
N GLU B 44 -16.68 -22.56 -4.68
CA GLU B 44 -17.62 -21.75 -5.46
C GLU B 44 -17.40 -20.28 -5.13
N ARG B 45 -17.28 -19.46 -6.18
CA ARG B 45 -16.84 -18.08 -6.03
C ARG B 45 -17.86 -17.25 -5.26
N ILE B 46 -17.45 -16.70 -4.12
CA ILE B 46 -18.25 -15.69 -3.44
C ILE B 46 -18.50 -14.54 -4.40
N GLU B 47 -19.72 -14.02 -4.37
CA GLU B 47 -20.18 -13.10 -5.41
C GLU B 47 -20.01 -11.64 -5.03
N LYS B 48 -20.37 -11.25 -3.82
CA LYS B 48 -20.21 -9.87 -3.39
C LYS B 48 -18.83 -9.79 -2.75
N VAL B 49 -17.82 -9.43 -3.54
CA VAL B 49 -16.48 -9.18 -3.06
C VAL B 49 -16.12 -7.73 -3.40
N GLU B 50 -15.58 -7.01 -2.43
CA GLU B 50 -15.06 -5.67 -2.66
C GLU B 50 -13.54 -5.69 -2.63
N HIS B 51 -12.94 -4.62 -3.16
CA HIS B 51 -11.50 -4.47 -3.22
C HIS B 51 -11.11 -3.01 -3.02
N SER B 52 -9.93 -2.79 -2.45
CA SER B 52 -9.42 -1.47 -2.18
C SER B 52 -8.91 -0.83 -3.47
N ASP B 53 -8.47 0.43 -3.35
CA ASP B 53 -7.98 1.22 -4.48
C ASP B 53 -6.50 0.93 -4.74
N LEU B 54 -6.17 0.60 -5.99
CA LEU B 54 -4.81 0.28 -6.39
C LEU B 54 -3.82 1.34 -5.93
N SER B 55 -2.76 0.91 -5.25
CA SER B 55 -1.64 1.76 -4.87
C SER B 55 -0.37 0.90 -4.90
N PHE B 56 0.75 1.51 -4.53
CA PHE B 56 2.03 0.83 -4.66
C PHE B 56 3.00 1.27 -3.57
N SER B 57 4.03 0.44 -3.37
CA SER B 57 5.09 0.61 -2.38
C SER B 57 6.28 1.36 -2.96
N LYS B 58 7.26 1.61 -2.09
CA LYS B 58 8.44 2.37 -2.46
C LYS B 58 9.26 1.71 -3.57
N ASP B 59 9.22 0.38 -3.70
CA ASP B 59 9.92 -0.28 -4.81
C ASP B 59 9.05 -0.38 -6.06
N TRP B 60 7.95 0.37 -6.10
CA TRP B 60 7.00 0.49 -7.22
C TRP B 60 6.10 -0.72 -7.34
N SER B 61 6.22 -1.72 -6.48
CA SER B 61 5.34 -2.87 -6.63
C SER B 61 3.99 -2.55 -6.01
N PHE B 62 2.94 -3.17 -6.56
CA PHE B 62 1.53 -2.90 -6.25
C PHE B 62 1.03 -3.73 -5.07
N TYR B 63 -0.07 -3.28 -4.47
CA TYR B 63 -0.78 -4.10 -3.50
C TYR B 63 -2.27 -3.76 -3.53
N LEU B 64 -3.08 -4.72 -3.07
CA LEU B 64 -4.53 -4.67 -3.15
C LEU B 64 -5.12 -5.53 -2.04
N LEU B 65 -6.20 -5.05 -1.42
CA LEU B 65 -6.95 -5.87 -0.45
C LEU B 65 -8.31 -6.23 -1.03
N TYR B 66 -8.62 -7.53 -1.07
CA TYR B 66 -9.94 -8.04 -1.45
C TYR B 66 -10.64 -8.61 -0.21
N TYR B 67 -11.93 -8.34 -0.07
CA TYR B 67 -12.58 -8.72 1.17
C TYR B 67 -14.10 -8.84 1.01
N THR B 68 -14.66 -9.84 1.68
CA THR B 68 -16.10 -10.01 1.78
C THR B 68 -16.44 -10.31 3.23
N GLU B 69 -17.60 -9.85 3.67
CA GLU B 69 -18.06 -10.20 5.01
C GLU B 69 -18.51 -11.67 5.05
N PHE B 70 -18.37 -12.29 6.21
CA PHE B 70 -18.73 -13.70 6.33
C PHE B 70 -18.95 -14.04 7.80
N THR B 71 -19.66 -15.14 8.01
CA THR B 71 -19.85 -15.68 9.34
C THR B 71 -19.26 -17.09 9.35
N PRO B 72 -18.16 -17.31 10.05
CA PRO B 72 -17.46 -18.59 9.94
C PRO B 72 -18.15 -19.66 10.76
N THR B 73 -17.98 -20.90 10.32
CA THR B 73 -18.51 -22.06 11.04
C THR B 73 -17.44 -23.15 11.09
N GLU B 74 -17.81 -24.29 11.65
CA GLU B 74 -16.87 -25.39 11.75
C GLU B 74 -16.70 -26.14 10.45
N LYS B 75 -17.74 -26.14 9.60
CA LYS B 75 -17.69 -26.91 8.36
C LYS B 75 -17.16 -26.09 7.19
N ASP B 76 -17.63 -24.85 7.04
CA ASP B 76 -17.26 -24.02 5.91
C ASP B 76 -15.76 -23.74 5.88
N GLU B 77 -15.10 -24.18 4.81
CA GLU B 77 -13.73 -23.75 4.53
C GLU B 77 -13.74 -22.72 3.40
N TYR B 78 -12.68 -21.91 3.35
CA TYR B 78 -12.59 -20.79 2.42
C TYR B 78 -11.19 -20.74 1.82
N ALA B 79 -11.05 -19.91 0.79
CA ALA B 79 -9.80 -19.82 0.04
C ALA B 79 -9.83 -18.56 -0.81
N CYS B 80 -8.63 -18.15 -1.23
CA CYS B 80 -8.46 -17.05 -2.17
C CYS B 80 -7.78 -17.61 -3.41
N ARG B 81 -8.25 -17.21 -4.59
CA ARG B 81 -7.71 -17.68 -5.87
C ARG B 81 -7.19 -16.50 -6.65
N VAL B 82 -5.97 -16.61 -7.17
CA VAL B 82 -5.26 -15.48 -7.74
C VAL B 82 -4.63 -15.90 -9.06
N ASN B 83 -4.90 -15.14 -10.12
CA ASN B 83 -4.17 -15.33 -11.36
C ASN B 83 -3.49 -14.04 -11.77
N HIS B 84 -2.28 -14.18 -12.30
CA HIS B 84 -1.43 -13.07 -12.68
C HIS B 84 -0.64 -13.51 -13.89
N VAL B 85 -0.18 -12.54 -14.67
CA VAL B 85 0.58 -12.90 -15.86
C VAL B 85 1.77 -13.77 -15.48
N THR B 86 2.39 -13.51 -14.32
CA THR B 86 3.53 -14.28 -13.85
C THR B 86 3.18 -15.65 -13.27
N LEU B 87 1.91 -16.05 -13.28
CA LEU B 87 1.53 -17.35 -12.74
C LEU B 87 1.11 -18.27 -13.87
N SER B 88 1.65 -19.50 -13.86
CA SER B 88 1.35 -20.46 -14.91
C SER B 88 -0.10 -20.92 -14.84
N GLN B 89 -0.55 -21.31 -13.64
CA GLN B 89 -1.93 -21.65 -13.32
C GLN B 89 -2.35 -20.83 -12.11
N PRO B 90 -3.63 -20.48 -12.00
CA PRO B 90 -4.11 -19.81 -10.79
C PRO B 90 -3.64 -20.49 -9.51
N LYS B 91 -3.14 -19.68 -8.58
CA LYS B 91 -2.72 -20.17 -7.28
C LYS B 91 -3.86 -20.04 -6.29
N ILE B 92 -4.02 -21.06 -5.45
CA ILE B 92 -5.07 -21.06 -4.44
C ILE B 92 -4.41 -21.12 -3.07
N VAL B 93 -4.83 -20.22 -2.18
CA VAL B 93 -4.40 -20.22 -0.78
C VAL B 93 -5.64 -20.31 0.10
N LYS B 94 -5.62 -21.28 1.02
CA LYS B 94 -6.78 -21.58 1.85
C LYS B 94 -6.69 -20.80 3.14
N TRP B 95 -7.84 -20.35 3.62
CA TRP B 95 -7.90 -19.68 4.91
C TRP B 95 -7.65 -20.70 6.03
N ASP B 96 -6.44 -20.68 6.57
CA ASP B 96 -6.10 -21.38 7.80
C ASP B 96 -6.36 -20.47 8.99
N ARG B 97 -7.18 -20.92 9.93
CA ARG B 97 -7.56 -20.10 11.07
C ARG B 97 -6.39 -19.65 11.93
N ASP B 98 -5.20 -20.24 11.77
CA ASP B 98 -4.07 -19.92 12.63
C ASP B 98 -2.88 -19.33 11.89
N MET B 99 -3.11 -18.71 10.71
CA MET B 99 -2.14 -17.82 10.07
C MET B 99 -2.82 -16.58 9.46
N CYS C 1 -4.70 18.05 -1.12
CA CYS C 1 -4.99 18.84 -2.32
C CYS C 1 -4.00 18.50 -3.42
N VAL C 2 -4.48 17.94 -4.53
CA VAL C 2 -3.54 17.56 -5.57
C VAL C 2 -2.92 18.82 -6.18
N ALA C 3 -1.80 18.62 -6.87
CA ALA C 3 -1.09 19.76 -7.42
C ALA C 3 -1.87 20.36 -8.58
N ASP C 4 -1.60 21.64 -8.83
CA ASP C 4 -2.13 22.32 -10.02
C ASP C 4 -1.20 22.17 -11.23
N TYR C 5 0.10 21.99 -11.00
CA TYR C 5 1.05 21.89 -12.09
C TYR C 5 0.96 20.52 -12.75
N SER C 6 1.19 20.48 -14.06
CA SER C 6 1.21 19.23 -14.82
C SER C 6 2.65 18.85 -15.12
N VAL C 7 2.88 17.56 -15.28
CA VAL C 7 4.24 17.05 -15.50
C VAL C 7 4.22 16.31 -16.84
N LEU C 8 4.87 16.91 -17.84
CA LEU C 8 4.87 16.42 -19.21
C LEU C 8 6.31 16.11 -19.62
N TYR C 9 6.55 14.86 -20.04
CA TYR C 9 7.89 14.36 -20.38
C TYR C 9 8.40 14.82 -21.74
#